data_6P9B
#
_entry.id   6P9B
#
_cell.length_a   73.663
_cell.length_b   73.663
_cell.length_c   94.332
_cell.angle_alpha   90.00
_cell.angle_beta   90.00
_cell.angle_gamma   90.00
#
_symmetry.space_group_name_H-M   'P 43 21 2'
#
loop_
_entity.id
_entity.type
_entity.pdbx_description
1 polymer 'HIV-1 protease'
2 non-polymer '{3-[(4-AMINO-BENZENESULFONYL)-ISOBUTYL-AMINO]-1-BENZYL-2-HYDROXY-PROPYL}-CARBAMIC ACID TETRAHYDRO-FURAN-3-YL ESTER'
3 non-polymer 'PHOSPHATE ION'
4 water water
#
_entity_poly.entity_id   1
_entity_poly.type   'polypeptide(L)'
_entity_poly.pdbx_seq_one_letter_code
;PQITLWKRPIITIKIGGQLKDVLMDTGADDTVLENIDLPGKWKPKLIGGIGGFVKVRQYDHVPVEVAGHKVTTTVLVGPT
PVDVIGRNLLTQIGATLNF
;
_entity_poly.pdbx_strand_id   A,B
#
loop_
_chem_comp.id
_chem_comp.type
_chem_comp.name
_chem_comp.formula
478 non-polymer '{3-[(4-AMINO-BENZENESULFONYL)-ISOBUTYL-AMINO]-1-BENZYL-2-HYDROXY-PROPYL}-CARBAMIC ACID TETRAHYDRO-FURAN-3-YL ESTER' 'C25 H35 N3 O6 S'
PO4 non-polymer 'PHOSPHATE ION' 'O4 P -3'
#
# COMPACT_ATOMS: atom_id res chain seq x y z
N PRO A 1 -1.51 4.21 18.70
CA PRO A 1 -2.23 2.93 18.72
C PRO A 1 -1.47 1.82 18.00
N GLN A 2 -1.87 0.57 18.25
CA GLN A 2 -1.34 -0.59 17.58
C GLN A 2 -2.55 -1.14 16.87
N ILE A 3 -2.52 -1.16 15.54
CA ILE A 3 -3.65 -1.47 14.66
CA ILE A 3 -3.73 -1.63 14.89
C ILE A 3 -3.38 -2.86 14.06
N THR A 4 -4.31 -3.82 14.20
CA THR A 4 -4.19 -5.06 13.45
C THR A 4 -4.70 -4.78 12.03
N LEU A 5 -4.55 -5.78 11.14
CA LEU A 5 -4.76 -5.55 9.73
C LEU A 5 -5.88 -6.42 9.18
N TRP A 6 -6.73 -6.96 10.09
CA TRP A 6 -7.90 -7.72 9.64
C TRP A 6 -8.85 -6.83 8.85
N LYS A 7 -8.98 -5.58 9.31
CA LYS A 7 -9.73 -4.59 8.54
C LYS A 7 -8.75 -3.66 7.86
N ARG A 8 -9.23 -2.93 6.84
CA ARG A 8 -8.35 -1.93 6.24
C ARG A 8 -7.99 -0.83 7.25
N PRO A 9 -6.70 -0.43 7.31
CA PRO A 9 -6.22 0.54 8.31
C PRO A 9 -6.54 1.96 7.87
N ILE A 10 -7.81 2.36 8.11
CA ILE A 10 -8.29 3.67 7.70
C ILE A 10 -8.29 4.56 8.92
N ILE A 11 -7.76 5.78 8.78
CA ILE A 11 -7.81 6.76 9.84
C ILE A 11 -8.33 8.07 9.27
N THR A 12 -8.82 8.93 10.16
CA THR A 12 -9.28 10.24 9.71
C THR A 12 -8.16 11.24 10.01
N ILE A 13 -7.71 12.01 9.00
CA ILE A 13 -6.74 13.06 9.21
C ILE A 13 -7.38 14.40 8.81
N LYS A 14 -6.68 15.49 9.14
CA LYS A 14 -7.09 16.80 8.66
C LYS A 14 -6.08 17.25 7.61
N ILE A 15 -6.58 17.68 6.43
CA ILE A 15 -5.68 18.19 5.42
CA ILE A 15 -5.71 18.15 5.34
C ILE A 15 -6.31 19.44 4.80
N GLY A 16 -5.49 20.51 4.75
CA GLY A 16 -5.94 21.81 4.25
C GLY A 16 -7.31 22.19 4.82
N GLY A 17 -7.47 21.94 6.14
CA GLY A 17 -8.68 22.25 6.88
C GLY A 17 -9.83 21.25 6.73
N GLN A 18 -9.67 20.18 5.93
CA GLN A 18 -10.77 19.25 5.71
CA GLN A 18 -10.74 19.23 5.65
C GLN A 18 -10.40 17.89 6.27
N LEU A 19 -11.39 17.24 6.89
CA LEU A 19 -11.27 15.88 7.41
C LEU A 19 -11.39 14.89 6.25
N LYS A 20 -10.42 13.97 6.17
N LYS A 20 -10.42 13.98 6.16
CA LYS A 20 -10.44 12.99 5.08
CA LYS A 20 -10.44 12.98 5.10
C LYS A 20 -10.10 11.62 5.67
C LYS A 20 -10.11 11.61 5.69
N ASP A 21 -10.89 10.59 5.29
CA ASP A 21 -10.56 9.22 5.66
C ASP A 21 -9.51 8.72 4.67
N VAL A 22 -8.40 8.17 5.20
CA VAL A 22 -7.29 7.77 4.34
C VAL A 22 -6.83 6.37 4.75
N LEU A 23 -6.41 5.56 3.75
CA LEU A 23 -5.82 4.24 4.04
C LEU A 23 -4.31 4.38 4.31
N MET A 24 -3.82 3.78 5.40
CA MET A 24 -2.39 3.77 5.70
C MET A 24 -1.77 2.67 4.82
N ASP A 25 -0.85 3.11 3.94
CA ASP A 25 -0.41 2.29 2.84
C ASP A 25 1.12 2.20 2.82
N THR A 26 1.66 1.12 3.40
CA THR A 26 3.11 0.99 3.46
C THR A 26 3.72 0.75 2.10
N GLY A 27 2.90 0.26 1.13
CA GLY A 27 3.40 0.04 -0.23
C GLY A 27 3.38 1.29 -1.12
N ALA A 28 2.91 2.41 -0.56
CA ALA A 28 2.87 3.68 -1.28
C ALA A 28 4.03 4.58 -0.83
N ASP A 29 4.86 5.00 -1.79
CA ASP A 29 5.93 5.95 -1.46
C ASP A 29 5.31 7.30 -1.04
N ASP A 30 4.15 7.64 -1.64
CA ASP A 30 3.61 9.00 -1.54
C ASP A 30 2.19 8.98 -0.97
N THR A 31 1.63 10.18 -0.72
CA THR A 31 0.28 10.37 -0.21
C THR A 31 -0.55 10.98 -1.34
N VAL A 32 -1.65 10.32 -1.74
CA VAL A 32 -2.40 10.78 -2.92
C VAL A 32 -3.90 10.69 -2.62
N LEU A 33 -4.65 11.73 -3.03
CA LEU A 33 -6.11 11.79 -2.82
C LEU A 33 -6.74 12.26 -4.13
N GLU A 34 -8.00 11.88 -4.34
N GLU A 34 -8.01 11.92 -4.43
CA GLU A 34 -8.75 12.37 -5.49
CA GLU A 34 -8.56 12.10 -5.79
C GLU A 34 -9.46 13.67 -5.08
C GLU A 34 -9.10 13.52 -6.05
N ASN A 35 -9.21 14.72 -5.86
N ASN A 35 -9.79 14.07 -5.06
CA ASN A 35 -10.04 15.91 -5.93
CA ASN A 35 -10.51 15.32 -5.28
C ASN A 35 -10.38 16.51 -4.57
C ASN A 35 -10.35 16.07 -3.97
N ILE A 36 -9.33 16.91 -3.86
CA ILE A 36 -9.41 17.74 -2.67
CA ILE A 36 -9.31 17.72 -2.66
C ILE A 36 -9.06 19.18 -3.05
N ASP A 37 -9.59 20.11 -2.27
CA ASP A 37 -9.42 21.52 -2.60
C ASP A 37 -8.16 22.04 -1.90
N LEU A 38 -7.03 22.18 -2.60
CA LEU A 38 -5.85 22.71 -1.91
C LEU A 38 -5.48 24.01 -2.61
N PRO A 39 -5.09 25.06 -1.85
CA PRO A 39 -4.76 26.35 -2.45
C PRO A 39 -3.35 26.35 -3.05
N GLY A 40 -3.07 27.32 -3.93
CA GLY A 40 -1.68 27.59 -4.29
C GLY A 40 -1.22 26.81 -5.52
N LYS A 41 0.05 27.01 -5.89
CA LYS A 41 0.43 26.30 -7.10
CA LYS A 41 0.71 26.39 -7.02
C LYS A 41 0.96 24.90 -6.75
N TRP A 42 1.16 24.13 -7.82
CA TRP A 42 1.57 22.74 -7.77
C TRP A 42 2.47 22.45 -8.96
N LYS A 43 3.13 21.28 -8.95
CA LYS A 43 3.92 20.88 -10.09
C LYS A 43 3.50 19.46 -10.49
N PRO A 44 3.67 19.09 -11.78
CA PRO A 44 3.32 17.77 -12.27
C PRO A 44 4.25 16.73 -11.64
N LYS A 45 3.68 15.57 -11.30
CA LYS A 45 4.49 14.48 -10.80
C LYS A 45 3.97 13.22 -11.46
N LEU A 46 4.85 12.32 -11.91
CA LEU A 46 4.40 11.04 -12.45
C LEU A 46 4.59 9.96 -11.38
N ILE A 47 3.52 9.23 -11.00
CA ILE A 47 3.69 8.20 -9.98
C ILE A 47 3.40 6.83 -10.59
N GLY A 48 4.02 5.79 -10.04
CA GLY A 48 3.75 4.48 -10.62
C GLY A 48 2.74 3.76 -9.72
N GLY A 49 1.70 3.16 -10.32
CA GLY A 49 0.82 2.31 -9.51
C GLY A 49 0.73 0.93 -10.18
N ILE A 50 -0.15 0.08 -9.67
CA ILE A 50 -0.25 -1.29 -10.17
C ILE A 50 -0.59 -1.31 -11.66
N GLY A 51 -1.33 -0.30 -12.15
CA GLY A 51 -1.81 -0.36 -13.53
C GLY A 51 -0.93 0.40 -14.51
N GLY A 52 0.07 1.15 -14.02
CA GLY A 52 0.99 1.89 -14.88
C GLY A 52 1.27 3.24 -14.26
N PHE A 53 1.80 4.18 -15.03
CA PHE A 53 2.25 5.44 -14.45
C PHE A 53 1.20 6.49 -14.73
N VAL A 54 0.94 7.36 -13.76
CA VAL A 54 -0.18 8.28 -13.81
C VAL A 54 0.33 9.66 -13.41
N LYS A 55 -0.14 10.69 -14.13
CA LYS A 55 0.23 12.06 -13.80
C LYS A 55 -0.69 12.64 -12.74
N VAL A 56 -0.12 13.27 -11.73
CA VAL A 56 -0.88 13.85 -10.64
C VAL A 56 -0.32 15.25 -10.40
N ARG A 57 -1.03 16.02 -9.59
CA ARG A 57 -0.55 17.30 -9.11
C ARG A 57 0.21 17.12 -7.79
N GLN A 58 1.38 17.75 -7.68
CA GLN A 58 2.12 17.71 -6.44
C GLN A 58 2.04 19.05 -5.70
N TYR A 59 1.45 19.01 -4.49
CA TYR A 59 1.42 20.16 -3.58
C TYR A 59 2.42 19.95 -2.44
N ASP A 60 3.29 20.96 -2.20
CA ASP A 60 4.34 20.93 -1.17
C ASP A 60 3.90 21.72 0.07
N HIS A 61 4.41 21.32 1.25
CA HIS A 61 4.28 22.05 2.51
C HIS A 61 2.83 22.17 2.96
N VAL A 62 2.04 21.12 2.71
CA VAL A 62 0.64 21.14 3.07
C VAL A 62 0.50 20.83 4.56
N PRO A 63 -0.21 21.65 5.36
CA PRO A 63 -0.41 21.36 6.79
C PRO A 63 -1.40 20.21 6.90
N VAL A 64 -1.04 19.22 7.71
CA VAL A 64 -1.89 18.06 7.91
CA VAL A 64 -1.92 18.07 7.92
C VAL A 64 -1.85 17.75 9.40
N GLU A 65 -2.96 17.25 9.91
CA GLU A 65 -2.88 16.74 11.26
C GLU A 65 -3.24 15.25 11.25
N VAL A 66 -2.35 14.42 11.82
CA VAL A 66 -2.52 12.98 11.72
C VAL A 66 -2.22 12.40 13.10
N ALA A 67 -3.20 11.70 13.66
CA ALA A 67 -3.03 10.99 14.92
C ALA A 67 -2.42 11.94 15.94
N GLY A 68 -2.85 13.22 15.92
CA GLY A 68 -2.44 14.18 16.92
C GLY A 68 -1.23 15.03 16.52
N HIS A 69 -0.45 14.60 15.51
CA HIS A 69 0.73 15.34 15.07
C HIS A 69 0.35 16.34 13.98
N LYS A 70 0.79 17.59 14.15
CA LYS A 70 0.64 18.63 13.15
C LYS A 70 1.95 18.73 12.38
N VAL A 71 1.94 18.42 11.08
CA VAL A 71 3.15 18.46 10.27
C VAL A 71 2.80 19.17 8.98
N THR A 72 3.81 19.44 8.17
CA THR A 72 3.59 19.81 6.79
C THR A 72 4.22 18.70 5.95
N THR A 73 3.61 18.43 4.79
CA THR A 73 4.01 17.27 4.00
C THR A 73 3.68 17.49 2.52
N THR A 74 4.14 16.58 1.66
CA THR A 74 3.82 16.68 0.26
C THR A 74 2.55 15.84 0.03
N VAL A 75 1.60 16.40 -0.71
CA VAL A 75 0.33 15.72 -0.97
C VAL A 75 0.11 15.75 -2.47
N LEU A 76 -0.24 14.58 -3.07
CA LEU A 76 -0.45 14.45 -4.49
C LEU A 76 -1.95 14.38 -4.72
N VAL A 77 -2.40 14.92 -5.85
CA VAL A 77 -3.84 14.99 -6.12
C VAL A 77 -4.06 14.45 -7.53
N GLY A 78 -4.92 13.44 -7.65
CA GLY A 78 -5.04 12.78 -8.94
C GLY A 78 -6.00 11.61 -8.92
N PRO A 79 -6.16 10.83 -10.02
N PRO A 79 -6.18 10.93 -10.06
CA PRO A 79 -7.21 9.80 -10.09
CA PRO A 79 -7.03 9.74 -10.10
C PRO A 79 -6.96 8.43 -9.46
C PRO A 79 -6.38 8.64 -9.27
N THR A 80 -6.97 8.40 -8.12
CA THR A 80 -6.62 7.23 -7.33
C THR A 80 -7.93 6.63 -6.86
N PRO A 81 -8.09 5.29 -6.88
CA PRO A 81 -9.34 4.68 -6.40
C PRO A 81 -9.47 4.75 -4.89
N VAL A 82 -8.34 5.02 -4.20
CA VAL A 82 -8.35 5.06 -2.76
C VAL A 82 -7.50 6.25 -2.30
N ASP A 83 -8.01 7.04 -1.35
CA ASP A 83 -7.18 8.13 -0.80
C ASP A 83 -6.22 7.51 0.22
N VAL A 84 -4.90 7.64 -0.03
CA VAL A 84 -3.99 6.88 0.82
C VAL A 84 -2.98 7.84 1.47
N ILE A 85 -2.50 7.48 2.66
CA ILE A 85 -1.30 8.14 3.18
C ILE A 85 -0.16 7.12 3.12
N GLY A 86 0.91 7.56 2.49
CA GLY A 86 2.03 6.70 2.15
C GLY A 86 3.23 6.95 3.05
N ARG A 87 4.37 6.33 2.72
CA ARG A 87 5.45 6.34 3.71
C ARG A 87 5.95 7.75 3.98
N ASN A 88 5.75 8.68 3.03
CA ASN A 88 6.31 10.00 3.29
C ASN A 88 5.73 10.59 4.58
N LEU A 89 4.41 10.43 4.78
CA LEU A 89 3.72 10.91 5.96
C LEU A 89 3.81 9.93 7.13
N LEU A 90 3.74 8.61 6.83
CA LEU A 90 3.82 7.65 7.92
C LEU A 90 5.15 7.82 8.68
N THR A 91 6.22 8.13 7.95
CA THR A 91 7.54 8.30 8.58
CA THR A 91 7.52 8.29 8.61
C THR A 91 7.52 9.54 9.48
N GLN A 92 6.83 10.60 9.02
CA GLN A 92 6.73 11.83 9.80
C GLN A 92 6.08 11.60 11.17
N ILE A 93 5.20 10.61 11.32
CA ILE A 93 4.51 10.35 12.58
C ILE A 93 5.13 9.19 13.33
N GLY A 94 6.25 8.67 12.84
CA GLY A 94 7.01 7.64 13.56
C GLY A 94 6.34 6.27 13.46
N ALA A 95 5.52 6.04 12.43
CA ALA A 95 4.82 4.75 12.32
C ALA A 95 5.82 3.64 12.01
N THR A 96 5.53 2.46 12.58
CA THR A 96 6.31 1.25 12.31
C THR A 96 5.39 0.10 11.91
N LEU A 97 5.96 -0.83 11.14
CA LEU A 97 5.31 -2.10 10.91
C LEU A 97 5.98 -3.12 11.82
N ASN A 98 5.19 -3.80 12.64
CA ASN A 98 5.72 -4.74 13.60
C ASN A 98 5.27 -6.16 13.26
N PHE A 99 6.08 -7.17 13.63
CA PHE A 99 5.67 -8.56 13.42
C PHE A 99 6.51 -9.49 14.31
N PRO B 1 9.98 -8.10 15.53
CA PRO B 1 10.69 -7.00 14.93
C PRO B 1 9.81 -5.76 14.76
N GLN B 2 10.47 -4.62 14.67
CA GLN B 2 9.85 -3.32 14.47
C GLN B 2 10.57 -2.62 13.33
N ILE B 3 9.84 -2.27 12.27
CA ILE B 3 10.45 -1.77 11.03
C ILE B 3 9.97 -0.32 10.90
N THR B 4 10.91 0.64 10.84
CA THR B 4 10.52 2.00 10.51
C THR B 4 10.26 2.11 9.01
N LEU B 5 9.68 3.23 8.55
CA LEU B 5 9.18 3.27 7.19
C LEU B 5 9.90 4.32 6.32
N TRP B 6 11.05 4.87 6.75
N TRP B 6 11.13 4.68 6.78
CA TRP B 6 11.72 5.85 5.91
CA TRP B 6 12.13 5.40 6.02
C TRP B 6 12.09 5.21 4.57
C TRP B 6 12.49 4.62 4.74
N LYS B 7 12.11 3.88 4.57
N LYS B 7 12.52 3.30 4.86
CA LYS B 7 12.48 3.02 3.44
CA LYS B 7 12.79 2.45 3.70
C LYS B 7 11.33 2.05 3.22
C LYS B 7 11.48 1.77 3.34
N ARG B 8 11.35 1.33 2.09
CA ARG B 8 10.30 0.38 1.75
C ARG B 8 10.56 -0.93 2.49
N PRO B 9 9.53 -1.53 3.12
CA PRO B 9 9.71 -2.75 3.91
C PRO B 9 9.70 -3.95 2.95
N ILE B 10 10.88 -4.37 2.53
CA ILE B 10 10.97 -5.47 1.57
C ILE B 10 11.55 -6.69 2.29
N ILE B 11 10.78 -7.79 2.21
CA ILE B 11 11.12 -9.04 2.88
C ILE B 11 11.19 -10.13 1.83
N THR B 12 11.90 -11.24 2.11
CA THR B 12 11.87 -12.33 1.14
C THR B 12 10.75 -13.31 1.53
N ILE B 13 10.13 -13.94 0.53
CA ILE B 13 9.23 -15.03 0.82
CA ILE B 13 9.14 -15.00 0.73
C ILE B 13 9.65 -16.22 -0.03
N LYS B 14 9.45 -17.43 0.53
CA LYS B 14 9.65 -18.63 -0.29
C LYS B 14 8.31 -19.08 -0.82
N ILE B 15 8.24 -19.30 -2.14
CA ILE B 15 6.99 -19.68 -2.77
C ILE B 15 7.31 -20.42 -4.06
N GLY B 16 6.65 -21.56 -4.24
CA GLY B 16 6.76 -22.25 -5.51
C GLY B 16 8.20 -22.64 -5.82
N GLY B 17 8.95 -22.93 -4.76
CA GLY B 17 10.38 -23.27 -4.89
C GLY B 17 11.30 -22.09 -5.19
N GLN B 18 10.78 -20.85 -5.19
CA GLN B 18 11.58 -19.68 -5.54
C GLN B 18 11.66 -18.76 -4.32
N LEU B 19 12.58 -17.81 -4.37
CA LEU B 19 12.73 -16.81 -3.32
C LEU B 19 12.42 -15.47 -3.99
N LYS B 20 11.44 -14.73 -3.45
N LYS B 20 11.43 -14.73 -3.45
CA LYS B 20 11.02 -13.49 -4.10
CA LYS B 20 11.04 -13.50 -4.11
C LYS B 20 11.10 -12.36 -3.08
C LYS B 20 11.09 -12.36 -3.08
N ASP B 21 11.49 -11.17 -3.54
CA ASP B 21 11.53 -10.01 -2.65
C ASP B 21 10.21 -9.24 -2.80
N VAL B 22 9.49 -9.04 -1.67
CA VAL B 22 8.14 -8.52 -1.75
C VAL B 22 8.04 -7.35 -0.78
N LEU B 23 7.21 -6.37 -1.16
CA LEU B 23 6.94 -5.21 -0.31
C LEU B 23 5.82 -5.59 0.65
N MET B 24 6.02 -5.38 1.95
CA MET B 24 5.02 -5.68 2.97
C MET B 24 4.02 -4.51 2.92
N ASP B 25 2.82 -4.77 2.37
CA ASP B 25 1.98 -3.67 1.91
C ASP B 25 0.63 -3.66 2.66
N THR B 26 0.49 -2.76 3.63
CA THR B 26 -0.78 -2.65 4.37
C THR B 26 -1.89 -2.07 3.49
N GLY B 27 -1.53 -1.50 2.32
CA GLY B 27 -2.48 -0.93 1.38
C GLY B 27 -3.07 -1.97 0.43
N ALA B 28 -2.48 -3.18 0.34
CA ALA B 28 -2.96 -4.22 -0.57
C ALA B 28 -3.88 -5.16 0.21
N ASP B 29 -5.07 -5.43 -0.34
CA ASP B 29 -5.98 -6.37 0.30
C ASP B 29 -5.35 -7.77 0.26
N ASP B 30 -4.71 -8.10 -0.88
CA ASP B 30 -4.18 -9.43 -1.05
C ASP B 30 -2.81 -9.39 -1.71
N THR B 31 -1.97 -10.39 -1.38
CA THR B 31 -0.67 -10.53 -2.04
C THR B 31 -0.86 -10.63 -3.56
N VAL B 32 0.04 -9.96 -4.32
CA VAL B 32 0.07 -10.11 -5.77
CA VAL B 32 0.07 -10.06 -5.78
C VAL B 32 1.53 -10.16 -6.21
N LEU B 33 1.84 -11.17 -7.04
CA LEU B 33 3.18 -11.41 -7.54
C LEU B 33 3.10 -11.52 -9.07
N GLU B 34 4.15 -11.12 -9.76
N GLU B 34 4.20 -11.18 -9.71
CA GLU B 34 4.15 -11.04 -11.22
CA GLU B 34 4.35 -11.36 -11.15
C GLU B 34 4.68 -12.32 -11.85
C GLU B 34 5.33 -12.51 -11.42
N ASN B 35 5.94 -12.65 -11.54
N ASN B 35 5.18 -13.13 -12.59
CA ASN B 35 6.65 -13.70 -12.24
CA ASN B 35 6.17 -14.03 -13.16
C ASN B 35 6.62 -14.98 -11.40
C ASN B 35 6.57 -15.13 -12.17
N ILE B 36 5.57 -15.78 -11.58
CA ILE B 36 5.63 -17.02 -10.81
C ILE B 36 4.65 -17.97 -11.46
N ASP B 37 5.01 -19.26 -11.49
CA ASP B 37 4.14 -20.28 -12.04
C ASP B 37 3.64 -21.12 -10.88
N LEU B 38 2.34 -21.07 -10.62
CA LEU B 38 1.80 -21.85 -9.53
C LEU B 38 0.97 -22.98 -10.13
N PRO B 39 0.91 -24.15 -9.48
CA PRO B 39 0.14 -25.28 -10.01
C PRO B 39 -1.36 -25.21 -9.79
N GLY B 40 -2.14 -25.79 -10.72
CA GLY B 40 -3.52 -26.09 -10.42
C GLY B 40 -4.49 -24.99 -10.86
N LYS B 41 -5.73 -25.12 -10.39
CA LYS B 41 -6.82 -24.28 -10.82
C LYS B 41 -6.74 -22.94 -10.09
N TRP B 42 -7.42 -21.97 -10.68
CA TRP B 42 -7.40 -20.60 -10.20
C TRP B 42 -8.68 -19.95 -10.69
N LYS B 43 -9.04 -18.82 -10.10
CA LYS B 43 -10.20 -18.06 -10.54
C LYS B 43 -9.75 -16.68 -11.01
N PRO B 44 -10.32 -16.13 -12.11
CA PRO B 44 -9.96 -14.79 -12.56
C PRO B 44 -10.50 -13.76 -11.56
N LYS B 45 -9.73 -12.68 -11.33
CA LYS B 45 -10.17 -11.59 -10.46
CA LYS B 45 -10.21 -11.58 -10.49
C LYS B 45 -9.64 -10.30 -11.07
N LEU B 46 -10.32 -9.16 -10.81
CA LEU B 46 -9.79 -7.85 -11.20
C LEU B 46 -9.41 -7.12 -9.89
N ILE B 47 -8.20 -6.58 -9.82
CA ILE B 47 -7.86 -5.73 -8.69
C ILE B 47 -7.70 -4.30 -9.18
N GLY B 48 -7.95 -3.38 -8.27
CA GLY B 48 -8.08 -1.96 -8.60
C GLY B 48 -6.96 -1.21 -7.93
N GLY B 49 -6.30 -0.33 -8.69
CA GLY B 49 -5.24 0.49 -8.13
C GLY B 49 -5.06 1.78 -8.94
N ILE B 50 -3.97 2.45 -8.62
CA ILE B 50 -3.60 3.58 -9.44
C ILE B 50 -3.19 3.06 -10.82
N GLY B 51 -3.78 3.67 -11.88
CA GLY B 51 -3.55 3.21 -13.24
C GLY B 51 -4.64 2.24 -13.71
N GLY B 52 -5.65 2.03 -12.86
CA GLY B 52 -6.80 1.24 -13.28
C GLY B 52 -6.82 -0.19 -12.75
N PHE B 53 -7.55 -1.06 -13.46
CA PHE B 53 -7.79 -2.43 -13.06
C PHE B 53 -6.68 -3.32 -13.65
N VAL B 54 -6.34 -4.35 -12.89
CA VAL B 54 -5.38 -5.33 -13.34
C VAL B 54 -6.00 -6.72 -13.21
N LYS B 55 -5.92 -7.48 -14.31
N LYS B 55 -5.87 -7.48 -14.31
CA LYS B 55 -6.40 -8.85 -14.35
CA LYS B 55 -6.34 -8.85 -14.34
C LYS B 55 -5.39 -9.79 -13.70
C LYS B 55 -5.35 -9.76 -13.64
N VAL B 56 -5.86 -10.60 -12.74
CA VAL B 56 -4.99 -11.52 -12.03
CA VAL B 56 -5.01 -11.51 -12.01
C VAL B 56 -5.65 -12.89 -11.98
N ARG B 57 -4.82 -13.92 -11.71
CA ARG B 57 -5.33 -15.24 -11.35
C ARG B 57 -5.27 -15.40 -9.84
N GLN B 58 -6.39 -15.79 -9.23
CA GLN B 58 -6.36 -16.06 -7.81
C GLN B 58 -6.09 -17.54 -7.58
N TYR B 59 -5.00 -17.85 -6.86
CA TYR B 59 -4.73 -19.20 -6.41
C TYR B 59 -4.93 -19.29 -4.91
N ASP B 60 -5.62 -20.34 -4.45
CA ASP B 60 -5.90 -20.51 -3.03
C ASP B 60 -4.97 -21.57 -2.43
N HIS B 61 -4.80 -21.47 -1.10
CA HIS B 61 -4.05 -22.41 -0.27
C HIS B 61 -2.66 -22.67 -0.85
N VAL B 62 -1.95 -21.61 -1.25
CA VAL B 62 -0.58 -21.73 -1.74
C VAL B 62 0.38 -21.80 -0.56
N PRO B 63 1.26 -22.83 -0.45
CA PRO B 63 2.28 -22.87 0.62
C PRO B 63 3.34 -21.79 0.39
N VAL B 64 3.59 -20.98 1.44
CA VAL B 64 4.63 -19.95 1.39
C VAL B 64 5.33 -19.96 2.73
N GLU B 65 6.54 -19.40 2.78
CA GLU B 65 7.15 -19.16 4.07
C GLU B 65 7.61 -17.70 4.10
N VAL B 66 7.29 -16.98 5.17
CA VAL B 66 7.64 -15.57 5.28
C VAL B 66 7.89 -15.24 6.75
N ALA B 67 8.97 -14.47 7.00
CA ALA B 67 9.37 -14.08 8.34
C ALA B 67 9.52 -15.34 9.21
N GLY B 68 9.89 -16.47 8.60
CA GLY B 68 10.12 -17.72 9.30
C GLY B 68 8.85 -18.55 9.57
N HIS B 69 7.68 -18.16 9.04
CA HIS B 69 6.45 -18.87 9.33
C HIS B 69 5.96 -19.54 8.06
N LYS B 70 5.64 -20.82 8.17
CA LYS B 70 5.07 -21.51 7.00
C LYS B 70 3.56 -21.57 7.14
N VAL B 71 2.87 -21.08 6.10
CA VAL B 71 1.42 -21.00 6.08
C VAL B 71 0.98 -21.35 4.67
N THR B 72 -0.32 -21.62 4.46
N THR B 72 -0.32 -21.58 4.49
CA THR B 72 -0.87 -21.59 3.12
CA THR B 72 -0.91 -21.60 3.16
C THR B 72 -1.71 -20.32 3.03
C THR B 72 -1.75 -20.33 3.03
N THR B 73 -1.72 -19.73 1.84
CA THR B 73 -2.28 -18.39 1.70
C THR B 73 -2.83 -18.19 0.30
N THR B 74 -3.71 -17.17 0.15
CA THR B 74 -4.18 -16.76 -1.16
C THR B 74 -3.12 -15.94 -1.86
N VAL B 75 -2.79 -16.32 -3.12
CA VAL B 75 -1.86 -15.52 -3.91
C VAL B 75 -2.51 -15.11 -5.23
N LEU B 76 -2.44 -13.82 -5.56
CA LEU B 76 -2.88 -13.33 -6.85
C LEU B 76 -1.64 -13.26 -7.72
N VAL B 77 -1.81 -13.67 -8.97
CA VAL B 77 -0.70 -13.66 -9.91
C VAL B 77 -1.12 -12.84 -11.11
N GLY B 78 -0.31 -11.83 -11.43
CA GLY B 78 -0.70 -10.96 -12.54
C GLY B 78 0.35 -9.89 -12.74
N PRO B 79 0.23 -9.03 -13.77
CA PRO B 79 1.34 -8.16 -14.17
C PRO B 79 1.57 -6.90 -13.32
N THR B 80 1.73 -7.06 -12.02
CA THR B 80 2.13 -5.93 -11.19
C THR B 80 3.58 -5.60 -11.49
N PRO B 81 3.98 -4.31 -11.50
CA PRO B 81 5.39 -3.96 -11.65
C PRO B 81 6.17 -4.16 -10.35
N VAL B 82 5.48 -4.37 -9.22
CA VAL B 82 6.11 -4.53 -7.91
C VAL B 82 5.37 -5.65 -7.14
N ASP B 83 6.11 -6.70 -6.74
CA ASP B 83 5.50 -7.77 -5.95
C ASP B 83 5.23 -7.31 -4.53
N VAL B 84 4.01 -7.61 -4.00
CA VAL B 84 3.64 -7.16 -2.67
C VAL B 84 2.98 -8.34 -1.94
N ILE B 85 3.15 -8.38 -0.61
CA ILE B 85 2.26 -9.19 0.21
C ILE B 85 1.27 -8.27 0.89
N GLY B 86 0.00 -8.72 0.90
CA GLY B 86 -1.10 -7.88 1.33
C GLY B 86 -1.60 -8.28 2.72
N ARG B 87 -2.69 -7.62 3.11
CA ARG B 87 -3.22 -7.79 4.46
C ARG B 87 -3.59 -9.24 4.75
N ASN B 88 -3.99 -10.01 3.74
CA ASN B 88 -4.36 -11.40 3.98
C ASN B 88 -3.17 -12.16 4.58
N LEU B 89 -1.97 -11.99 4.00
CA LEU B 89 -0.79 -12.68 4.55
C LEU B 89 -0.21 -11.98 5.78
N LEU B 90 -0.26 -10.64 5.84
CA LEU B 90 0.29 -9.90 6.97
C LEU B 90 -0.48 -10.28 8.23
N THR B 91 -1.80 -10.52 8.08
CA THR B 91 -2.56 -10.95 9.26
C THR B 91 -2.17 -12.37 9.67
N GLN B 92 -1.87 -13.25 8.71
CA GLN B 92 -1.46 -14.61 9.06
C GLN B 92 -0.16 -14.61 9.86
N ILE B 93 0.71 -13.58 9.71
CA ILE B 93 1.95 -13.56 10.46
C ILE B 93 1.94 -12.55 11.61
N GLY B 94 0.76 -12.01 11.92
CA GLY B 94 0.54 -11.12 13.07
C GLY B 94 1.20 -9.75 12.91
N ALA B 95 1.34 -9.25 11.67
CA ALA B 95 1.88 -7.90 11.48
C ALA B 95 0.88 -6.82 11.92
N THR B 96 1.38 -5.72 12.53
CA THR B 96 0.53 -4.63 12.98
C THR B 96 1.19 -3.29 12.59
N LEU B 97 0.37 -2.22 12.46
CA LEU B 97 0.92 -0.88 12.36
C LEU B 97 0.90 -0.23 13.73
N ASN B 98 1.92 0.58 14.00
CA ASN B 98 2.09 1.20 15.31
C ASN B 98 2.50 2.66 15.13
N PHE B 99 1.75 3.56 15.78
CA PHE B 99 2.05 4.99 15.67
C PHE B 99 1.51 5.66 16.93
C1 478 C . 2.86 5.82 -5.03
C2 478 C . 0.43 5.62 -4.74
C3 478 C . 1.04 2.55 -4.91
C4 478 C . 1.65 4.88 -5.31
C5 478 C . 0.65 0.22 -4.25
C6 478 C . -0.28 0.13 -3.05
C7 478 C . 1.72 -0.89 -4.34
C8 478 C . 2.49 -0.61 -5.61
C9 478 C . 3.75 -0.03 -5.52
C10 478 C . 2.05 -1.03 -6.85
C11 478 C . 4.48 0.26 -6.71
C12 478 C . 2.81 -0.77 -8.03
C13 478 C . 4.00 -0.08 -7.99
C14 478 C . -1.28 -1.06 -3.17
C15 478 C . -3.62 -0.44 -3.59
C16 478 C . -4.07 1.00 -3.37
C17 478 C . -3.04 -3.33 -5.05
C18 478 C . -4.43 -3.50 -5.05
C19 478 C . -5.07 -4.70 -4.69
C20 478 C . -4.26 -5.78 -4.23
C21 478 C . -2.85 -5.63 -4.21
C22 478 C . -2.29 -4.41 -4.60
C23 478 C . -5.04 1.21 -2.20
C24 478 C . -3.32 2.15 -4.03
C25 478 C . 0.99 6.73 -3.87
N1 478 C . 1.35 1.50 -4.14
N2 478 C . -2.35 -0.91 -4.17
N3 478 C . -4.82 -6.93 -3.78
O1 478 C . 1.85 3.67 -4.57
O2 478 C . 0.17 2.61 -5.78
O3 478 C . 0.44 -0.12 -1.84
O4 478 C . -0.95 -2.16 -5.87
O5 478 C . -3.15 -1.22 -6.45
O6 478 C . 2.42 6.40 -3.83
S1 478 C . -2.32 -1.85 -5.48
P PO4 D . 8.18 8.52 -5.60
O1 PO4 D . 8.79 7.19 -5.57
O2 PO4 D . 9.02 9.31 -6.58
O3 PO4 D . 8.28 9.18 -4.27
O4 PO4 D . 6.71 8.33 -6.12
P PO4 E . -3.73 -19.76 8.89
O1 PO4 E . -2.46 -18.96 8.67
O2 PO4 E . -4.66 -19.65 7.70
O3 PO4 E . -3.30 -21.19 9.12
O4 PO4 E . -4.52 -19.26 10.09
P PO4 F . -5.90 -15.90 3.71
O1 PO4 F . -5.26 -15.90 2.35
O2 PO4 F . -5.17 -14.93 4.64
O3 PO4 F . -5.79 -17.35 4.27
O4 PO4 F . -7.37 -15.45 3.67
P PO4 G . -9.49 -5.23 -4.72
O1 PO4 G . -8.46 -5.68 -3.71
O2 PO4 G . -8.89 -4.28 -5.71
O3 PO4 G . -9.95 -6.55 -5.28
O4 PO4 G . -10.76 -4.63 -4.03
#